data_1B9I
#
_entry.id   1B9I
#
_cell.length_a   89.630
_cell.length_b   89.630
_cell.length_c   126.570
_cell.angle_alpha   90.00
_cell.angle_beta   90.00
_cell.angle_gamma   120.00
#
_symmetry.space_group_name_H-M   'P 32 2 1'
#
loop_
_entity.id
_entity.type
_entity.pdbx_description
1 polymer 'PROTEIN (3-AMINO-5-HYDROXYBENZOIC ACID SYNTHASE)'
2 non-polymer '3-[O-PHOSPHONOPYRIDOXYL]--AMINO-BENZOIC ACID'
3 water water
#
_entity_poly.entity_id   1
_entity_poly.type   'polypeptide(L)'
_entity_poly.pdbx_seq_one_letter_code
;MNARKAPEFPAWPQYDDAERNGLVRALEQGQWWRMGGDEVNSFEREFAAHHGAAHALAVTNGTHALELALQVMGVGPGTE
VIVPAFTFISSSQAAQRLGAVTVPVDVDAATYNLDPEAVAAAVTPRTKVIMPVHMAGLMADMDALAKISADTGVPLLQDA
AHAHGARWQGKRVGELDSIATFSFQNGKLMTAGEGGAVVFPDGETEKYETAFLRHSCGRPRDDRRYFHKIAGSNMRLNEF
SASVLRAQLARLDEQIAVRDERWTLLSRLLGAIDGVVPQGGDVRADRNSHYMAMFRIPGLTEERRNALVDRLVEAGLPAF
AAFRAIYRTDAFWELGAPDESVDAIARRCPNTDAISSDCVWLHHRVLLAGEPELHATAEIIADAVGRA
;
_entity_poly.pdbx_strand_id   A
#
# COMPACT_ATOMS: atom_id res chain seq x y z
N LYS A 5 -5.82 -32.27 10.69
CA LYS A 5 -6.42 -31.39 9.64
C LYS A 5 -5.56 -30.15 9.35
N ALA A 6 -6.00 -29.35 8.38
CA ALA A 6 -5.28 -28.14 8.01
C ALA A 6 -5.12 -27.22 9.22
N PRO A 7 -4.04 -26.45 9.22
CA PRO A 7 -3.78 -25.49 10.25
C PRO A 7 -4.88 -24.43 10.21
N GLU A 8 -5.05 -23.71 11.30
CA GLU A 8 -6.06 -22.65 11.34
C GLU A 8 -5.40 -21.36 11.78
N PHE A 9 -5.89 -20.33 11.11
CA PHE A 9 -5.35 -18.98 11.34
C PHE A 9 -6.46 -18.07 11.88
N PRO A 10 -6.03 -17.05 12.60
CA PRO A 10 -6.95 -16.06 13.16
C PRO A 10 -7.71 -15.35 12.03
N ALA A 11 -8.96 -15.02 12.25
CA ALA A 11 -9.84 -14.30 11.35
C ALA A 11 -9.33 -12.93 11.00
N TRP A 12 -9.79 -12.44 9.84
CA TRP A 12 -9.55 -11.08 9.40
C TRP A 12 -10.73 -10.63 8.49
N PRO A 13 -11.15 -9.41 8.76
CA PRO A 13 -10.76 -8.58 9.87
C PRO A 13 -11.22 -9.11 11.25
N GLN A 14 -10.80 -8.42 12.32
CA GLN A 14 -11.18 -8.70 13.67
C GLN A 14 -11.89 -7.48 14.28
N TYR A 15 -12.68 -7.82 15.28
CA TYR A 15 -13.30 -6.68 15.97
C TYR A 15 -13.67 -7.15 17.37
N ASP A 16 -14.15 -6.17 18.14
CA ASP A 16 -14.79 -6.59 19.39
C ASP A 16 -15.70 -5.44 19.79
N ASP A 17 -15.81 -5.20 21.08
CA ASP A 17 -16.75 -4.21 21.57
C ASP A 17 -16.28 -2.83 21.17
N ALA A 18 -14.98 -2.60 20.99
CA ALA A 18 -14.58 -1.29 20.56
C ALA A 18 -15.37 -0.92 19.27
N GLU A 19 -15.43 -1.84 18.28
CA GLU A 19 -16.09 -1.52 17.05
C GLU A 19 -17.58 -1.29 17.37
N ARG A 20 -18.20 -2.24 18.06
CA ARG A 20 -19.59 -2.15 18.47
C ARG A 20 -19.94 -0.79 19.05
N ASN A 21 -19.31 -0.39 20.14
CA ASN A 21 -19.52 0.91 20.75
C ASN A 21 -19.24 2.04 19.76
N GLY A 22 -18.20 1.88 18.90
CA GLY A 22 -17.82 2.95 17.98
C GLY A 22 -18.97 3.27 17.02
N LEU A 23 -19.58 2.23 16.47
CA LEU A 23 -20.65 2.37 15.50
C LEU A 23 -21.85 3.02 16.21
N VAL A 24 -22.22 2.58 17.40
CA VAL A 24 -23.21 3.26 18.22
C VAL A 24 -22.91 4.72 18.43
N ARG A 25 -21.69 5.06 18.88
CA ARG A 25 -21.27 6.42 19.11
C ARG A 25 -21.41 7.25 17.84
N ALA A 26 -21.03 6.67 16.66
CA ALA A 26 -21.19 7.40 15.44
C ALA A 26 -22.69 7.62 15.17
N LEU A 27 -23.46 6.56 15.23
CA LEU A 27 -24.86 6.57 14.99
C LEU A 27 -25.55 7.67 15.86
N GLU A 28 -25.34 7.70 17.13
CA GLU A 28 -26.02 8.55 18.08
C GLU A 28 -25.56 9.97 18.16
N GLN A 29 -24.55 10.36 17.39
CA GLN A 29 -24.19 11.74 17.13
C GLN A 29 -25.37 12.35 16.34
N GLY A 30 -26.16 11.52 15.63
CA GLY A 30 -27.23 11.89 14.77
C GLY A 30 -26.75 12.67 13.52
N GLN A 31 -25.43 12.80 13.29
CA GLN A 31 -24.89 13.43 12.10
C GLN A 31 -23.83 12.45 11.55
N TRP A 32 -23.92 12.07 10.29
CA TRP A 32 -23.13 10.94 9.82
C TRP A 32 -22.03 11.30 8.86
N TRP A 33 -21.90 12.56 8.51
CA TRP A 33 -20.85 13.02 7.64
C TRP A 33 -19.90 13.85 8.52
N ARG A 34 -18.64 14.02 8.01
CA ARG A 34 -17.63 14.71 8.82
C ARG A 34 -18.01 16.12 9.20
N MET A 35 -18.81 16.87 8.42
CA MET A 35 -19.18 18.23 8.81
C MET A 35 -20.07 18.24 10.03
N GLY A 36 -20.78 17.19 10.43
CA GLY A 36 -21.56 17.29 11.67
C GLY A 36 -21.04 16.43 12.80
N GLY A 37 -20.22 15.39 12.58
CA GLY A 37 -19.74 14.55 13.70
C GLY A 37 -18.28 14.90 14.07
N ASP A 38 -17.68 14.03 14.90
CA ASP A 38 -16.30 14.19 15.32
C ASP A 38 -15.47 12.91 15.06
N GLU A 39 -16.09 11.85 14.58
CA GLU A 39 -15.36 10.61 14.35
C GLU A 39 -14.27 10.78 13.30
N VAL A 40 -14.58 11.29 12.09
CA VAL A 40 -13.54 11.49 11.11
C VAL A 40 -12.53 12.47 11.69
N ASN A 41 -12.98 13.59 12.30
CA ASN A 41 -11.96 14.56 12.76
C ASN A 41 -10.99 13.90 13.75
N SER A 42 -11.45 13.22 14.76
CA SER A 42 -10.70 12.53 15.81
C SER A 42 -9.79 11.45 15.17
N PHE A 43 -10.36 10.61 14.31
CA PHE A 43 -9.56 9.59 13.60
C PHE A 43 -8.44 10.32 12.90
N GLU A 44 -8.67 11.44 12.21
CA GLU A 44 -7.58 12.08 11.50
C GLU A 44 -6.40 12.40 12.42
N ARG A 45 -6.67 12.99 13.57
CA ARG A 45 -5.65 13.34 14.54
C ARG A 45 -4.97 12.11 15.15
N GLU A 46 -5.69 11.08 15.49
CA GLU A 46 -5.16 9.86 16.01
C GLU A 46 -4.25 9.20 14.94
N PHE A 47 -4.73 9.16 13.68
CA PHE A 47 -3.95 8.54 12.63
C PHE A 47 -2.67 9.30 12.36
N ALA A 48 -2.70 10.60 12.17
CA ALA A 48 -1.57 11.43 11.95
C ALA A 48 -0.52 11.28 13.10
N ALA A 49 -0.98 11.39 14.32
CA ALA A 49 -0.14 11.29 15.50
C ALA A 49 0.59 9.93 15.43
N HIS A 50 -0.13 8.84 15.23
CA HIS A 50 0.41 7.51 15.13
C HIS A 50 1.51 7.36 14.08
N HIS A 51 1.48 8.15 13.04
CA HIS A 51 2.42 8.17 11.99
C HIS A 51 3.39 9.34 12.11
N GLY A 52 3.39 10.13 13.21
CA GLY A 52 4.28 11.29 13.21
C GLY A 52 4.02 12.32 12.16
N ALA A 53 2.80 12.38 11.59
CA ALA A 53 2.59 13.33 10.49
C ALA A 53 2.10 14.68 11.01
N ALA A 54 2.31 15.80 10.35
CA ALA A 54 1.69 17.05 10.71
C ALA A 54 0.16 16.99 10.55
N HIS A 55 -0.32 16.39 9.42
CA HIS A 55 -1.75 16.36 9.21
C HIS A 55 -2.18 15.05 8.55
N ALA A 56 -3.42 14.64 8.81
CA ALA A 56 -3.95 13.50 8.09
C ALA A 56 -5.31 13.91 7.46
N LEU A 57 -5.59 13.36 6.29
CA LEU A 57 -6.87 13.61 5.64
C LEU A 57 -7.54 12.27 5.35
N ALA A 58 -8.45 11.75 6.11
CA ALA A 58 -9.15 10.50 5.88
C ALA A 58 -10.05 10.66 4.63
N VAL A 59 -10.14 9.75 3.72
CA VAL A 59 -10.84 9.79 2.43
C VAL A 59 -11.50 8.46 2.16
N THR A 60 -12.32 8.43 1.07
CA THR A 60 -13.10 7.22 0.80
C THR A 60 -12.25 5.98 0.64
N ASN A 61 -11.07 6.02 -0.04
CA ASN A 61 -10.35 4.75 -0.18
C ASN A 61 -8.89 5.02 -0.56
N GLY A 62 -8.07 3.96 -0.58
CA GLY A 62 -6.63 4.21 -0.89
C GLY A 62 -6.32 4.67 -2.27
N THR A 63 -7.21 4.27 -3.24
CA THR A 63 -7.01 4.67 -4.61
C THR A 63 -7.31 6.17 -4.69
N HIS A 64 -8.34 6.65 -3.98
CA HIS A 64 -8.55 8.12 -4.04
C HIS A 64 -7.51 8.90 -3.24
N ALA A 65 -7.01 8.29 -2.17
CA ALA A 65 -5.90 9.04 -1.45
C ALA A 65 -4.77 9.20 -2.45
N LEU A 66 -4.45 8.19 -3.31
CA LEU A 66 -3.44 8.42 -4.33
C LEU A 66 -3.81 9.49 -5.33
N GLU A 67 -5.04 9.43 -5.88
CA GLU A 67 -5.50 10.46 -6.82
C GLU A 67 -5.45 11.86 -6.23
N LEU A 68 -5.86 12.02 -4.97
CA LEU A 68 -5.76 13.32 -4.33
C LEU A 68 -4.32 13.79 -4.10
N ALA A 69 -3.50 12.90 -3.52
CA ALA A 69 -2.07 13.31 -3.30
C ALA A 69 -1.43 13.70 -4.62
N LEU A 70 -1.56 12.85 -5.68
CA LEU A 70 -0.98 13.25 -6.97
C LEU A 70 -1.45 14.59 -7.48
N GLN A 71 -2.78 14.77 -7.49
CA GLN A 71 -3.39 16.00 -7.93
C GLN A 71 -2.82 17.17 -7.14
N VAL A 72 -2.77 17.20 -5.81
CA VAL A 72 -2.16 18.38 -5.18
C VAL A 72 -0.65 18.41 -5.42
N MET A 73 0.05 17.35 -5.82
CA MET A 73 1.46 17.45 -6.13
C MET A 73 1.68 17.82 -7.60
N GLY A 74 0.66 18.35 -8.26
CA GLY A 74 0.67 18.82 -9.60
C GLY A 74 0.55 17.79 -10.70
N VAL A 75 0.04 16.59 -10.43
CA VAL A 75 0.04 15.60 -11.51
C VAL A 75 -1.13 15.94 -12.42
N GLY A 76 -0.84 15.79 -13.71
CA GLY A 76 -1.83 16.07 -14.72
C GLY A 76 -1.30 15.78 -16.12
N PRO A 77 -2.16 16.13 -17.06
CA PRO A 77 -1.87 15.97 -18.46
C PRO A 77 -0.55 16.67 -18.73
N GLY A 78 0.32 15.98 -19.45
CA GLY A 78 1.61 16.58 -19.75
C GLY A 78 2.67 16.10 -18.79
N THR A 79 2.31 15.41 -17.71
CA THR A 79 3.33 14.96 -16.79
C THR A 79 3.43 13.44 -16.84
N GLU A 80 4.50 13.00 -16.21
CA GLU A 80 4.82 11.60 -16.06
C GLU A 80 4.92 11.26 -14.58
N VAL A 81 4.50 10.10 -14.18
CA VAL A 81 4.67 9.65 -12.81
C VAL A 81 5.41 8.31 -12.80
N ILE A 82 6.53 8.22 -12.10
CA ILE A 82 7.28 6.95 -12.03
C ILE A 82 6.74 6.02 -10.94
N VAL A 83 6.39 4.78 -11.28
CA VAL A 83 5.82 3.90 -10.25
C VAL A 83 6.49 2.56 -10.41
N PRO A 84 6.50 1.69 -9.41
CA PRO A 84 7.06 0.37 -9.53
C PRO A 84 6.20 -0.43 -10.48
N ALA A 85 6.81 -1.25 -11.34
CA ALA A 85 5.97 -1.98 -12.29
C ALA A 85 5.30 -3.15 -11.58
N PHE A 86 5.84 -3.55 -10.45
CA PHE A 86 5.27 -4.54 -9.58
C PHE A 86 4.54 -3.86 -8.39
N THR A 87 3.20 -3.90 -8.39
CA THR A 87 2.31 -3.21 -7.43
C THR A 87 0.83 -3.41 -7.79
N PHE A 88 -0.09 -3.04 -6.94
CA PHE A 88 -1.54 -3.13 -7.18
C PHE A 88 -1.85 -2.07 -8.21
N ILE A 89 -2.80 -2.30 -9.13
CA ILE A 89 -3.05 -1.35 -10.22
C ILE A 89 -3.37 0.04 -9.81
N SER A 90 -3.95 0.24 -8.60
CA SER A 90 -4.29 1.60 -8.18
C SER A 90 -3.14 2.59 -8.21
N SER A 91 -1.92 2.09 -7.95
CA SER A 91 -0.72 2.95 -7.97
C SER A 91 -0.52 3.64 -9.30
N SER A 92 -0.78 2.93 -10.43
CA SER A 92 -0.63 3.66 -11.69
C SER A 92 -1.96 4.25 -12.17
N GLN A 93 -3.00 3.48 -11.83
CA GLN A 93 -4.35 3.88 -12.30
C GLN A 93 -4.63 5.28 -11.82
N ALA A 94 -4.19 5.61 -10.59
CA ALA A 94 -4.39 6.96 -10.11
C ALA A 94 -3.75 8.02 -10.97
N ALA A 95 -2.53 7.85 -11.45
CA ALA A 95 -1.93 8.88 -12.31
C ALA A 95 -2.69 8.92 -13.64
N GLN A 96 -3.04 7.75 -14.17
CA GLN A 96 -3.79 7.61 -15.42
C GLN A 96 -5.07 8.42 -15.32
N ARG A 97 -5.77 8.34 -14.18
CA ARG A 97 -7.04 9.04 -13.99
C ARG A 97 -6.93 10.56 -14.08
N LEU A 98 -5.79 11.11 -13.70
CA LEU A 98 -5.51 12.53 -13.75
C LEU A 98 -5.01 12.99 -15.13
N GLY A 99 -4.94 12.06 -16.08
CA GLY A 99 -4.51 12.38 -17.43
C GLY A 99 -3.00 12.36 -17.62
N ALA A 100 -2.23 11.83 -16.67
CA ALA A 100 -0.78 11.80 -16.80
C ALA A 100 -0.33 10.48 -17.41
N VAL A 101 0.96 10.34 -17.64
CA VAL A 101 1.54 9.14 -18.20
C VAL A 101 2.25 8.40 -17.08
N THR A 102 1.88 7.16 -16.90
CA THR A 102 2.50 6.36 -15.84
C THR A 102 3.76 5.77 -16.46
N VAL A 103 4.89 5.90 -15.81
CA VAL A 103 6.12 5.32 -16.34
C VAL A 103 6.57 4.25 -15.36
N PRO A 104 6.34 2.99 -15.67
CA PRO A 104 6.69 1.89 -14.80
C PRO A 104 8.19 1.61 -14.79
N VAL A 105 8.75 1.34 -13.65
CA VAL A 105 10.20 1.16 -13.48
C VAL A 105 10.37 -0.17 -12.75
N ASP A 106 11.53 -0.80 -12.92
CA ASP A 106 11.81 -2.04 -12.21
C ASP A 106 11.97 -1.93 -10.70
N VAL A 107 11.88 -3.08 -10.05
CA VAL A 107 11.97 -3.22 -8.61
C VAL A 107 13.10 -4.19 -8.26
N ASP A 108 13.50 -4.15 -7.02
CA ASP A 108 14.49 -5.03 -6.47
C ASP A 108 14.07 -6.49 -6.57
N ALA A 109 15.07 -7.36 -6.82
CA ALA A 109 14.80 -8.78 -6.97
C ALA A 109 14.43 -9.44 -5.69
N ALA A 110 14.89 -8.82 -4.59
CA ALA A 110 14.61 -9.50 -3.32
C ALA A 110 13.55 -8.92 -2.41
N THR A 111 13.47 -7.64 -2.19
CA THR A 111 12.46 -6.95 -1.41
C THR A 111 11.21 -6.62 -2.25
N TYR A 112 11.41 -6.43 -3.57
CA TYR A 112 10.43 -6.17 -4.57
C TYR A 112 9.98 -4.71 -4.49
N ASN A 113 10.85 -3.86 -3.93
CA ASN A 113 10.58 -2.44 -3.83
C ASN A 113 11.13 -1.72 -5.02
N LEU A 114 10.64 -0.55 -5.35
CA LEU A 114 11.03 0.22 -6.49
C LEU A 114 12.56 0.32 -6.50
N ASP A 115 13.21 0.08 -7.64
CA ASP A 115 14.69 0.14 -7.68
C ASP A 115 15.17 1.54 -7.93
N PRO A 116 16.03 2.08 -7.04
CA PRO A 116 16.53 3.43 -7.19
C PRO A 116 17.28 3.68 -8.47
N GLU A 117 18.11 2.74 -8.94
CA GLU A 117 18.87 3.05 -10.16
C GLU A 117 17.92 3.13 -11.34
N ALA A 118 16.97 2.18 -11.30
CA ALA A 118 15.98 2.16 -12.36
C ALA A 118 15.21 3.47 -12.32
N VAL A 119 14.93 4.06 -11.12
CA VAL A 119 14.18 5.31 -11.28
C VAL A 119 15.09 6.38 -11.82
N ALA A 120 16.32 6.49 -11.32
CA ALA A 120 17.24 7.53 -11.84
C ALA A 120 17.28 7.56 -13.35
N ALA A 121 17.32 6.39 -13.99
CA ALA A 121 17.31 6.32 -15.43
C ALA A 121 16.00 6.75 -16.07
N ALA A 122 14.87 6.60 -15.37
CA ALA A 122 13.59 6.88 -16.01
C ALA A 122 13.18 8.34 -15.86
N VAL A 123 13.93 9.07 -15.04
CA VAL A 123 13.63 10.47 -14.83
C VAL A 123 13.68 11.21 -16.16
N THR A 124 12.85 12.23 -16.22
CA THR A 124 12.64 13.01 -17.45
C THR A 124 12.24 14.38 -17.02
N PRO A 125 12.21 15.31 -17.95
CA PRO A 125 11.73 16.67 -17.74
C PRO A 125 10.24 16.71 -17.48
N ARG A 126 9.50 15.66 -17.83
CA ARG A 126 8.08 15.56 -17.56
C ARG A 126 7.83 14.92 -16.19
N THR A 127 8.83 14.31 -15.57
CA THR A 127 8.53 13.62 -14.31
C THR A 127 8.03 14.58 -13.24
N LYS A 128 6.78 14.35 -12.73
CA LYS A 128 6.34 15.26 -11.67
C LYS A 128 6.44 14.62 -10.30
N VAL A 129 6.30 13.32 -10.14
CA VAL A 129 6.33 12.56 -8.92
C VAL A 129 7.02 11.21 -9.09
N ILE A 130 7.70 10.76 -8.05
CA ILE A 130 8.22 9.39 -8.02
C ILE A 130 7.49 8.69 -6.88
N MET A 131 6.86 7.55 -7.16
CA MET A 131 6.10 6.86 -6.15
C MET A 131 6.54 5.52 -5.68
N PRO A 132 7.39 5.46 -4.65
CA PRO A 132 7.79 4.18 -4.08
C PRO A 132 6.52 3.53 -3.54
N VAL A 133 6.40 2.25 -3.44
CA VAL A 133 5.38 1.50 -2.79
C VAL A 133 6.13 0.70 -1.73
N HIS A 134 5.70 0.63 -0.47
CA HIS A 134 6.40 -0.17 0.51
C HIS A 134 5.74 -1.52 0.49
N MET A 135 6.37 -2.36 -0.35
CA MET A 135 5.79 -3.63 -0.68
C MET A 135 5.57 -4.55 0.47
N ALA A 136 4.33 -4.97 0.71
CA ALA A 136 4.02 -5.86 1.84
C ALA A 136 4.50 -5.34 3.22
N GLY A 137 4.67 -4.08 3.36
CA GLY A 137 4.99 -3.54 4.69
C GLY A 137 6.47 -3.18 4.79
N LEU A 138 7.28 -3.65 3.84
CA LEU A 138 8.72 -3.42 3.89
C LEU A 138 9.00 -2.14 3.16
N MET A 139 9.50 -1.12 3.94
CA MET A 139 9.79 0.14 3.21
C MET A 139 10.78 -0.02 2.07
N ALA A 140 10.61 0.89 1.11
CA ALA A 140 11.49 1.05 0.00
C ALA A 140 12.70 1.86 0.48
N ASP A 141 13.72 1.93 -0.39
CA ASP A 141 14.95 2.65 -0.02
C ASP A 141 14.76 4.14 -0.01
N MET A 142 14.25 4.61 1.17
CA MET A 142 13.81 6.05 1.16
C MET A 142 14.99 7.01 1.15
N ASP A 143 16.16 6.50 1.56
CA ASP A 143 17.40 7.34 1.48
C ASP A 143 17.89 7.59 0.06
N ALA A 144 18.03 6.47 -0.67
CA ALA A 144 18.50 6.50 -2.05
C ALA A 144 17.48 7.27 -2.88
N LEU A 145 16.21 6.94 -2.53
CA LEU A 145 15.12 7.64 -3.24
C LEU A 145 15.14 9.12 -2.89
N ALA A 146 15.29 9.47 -1.61
CA ALA A 146 15.34 10.89 -1.22
C ALA A 146 16.47 11.63 -1.92
N LYS A 147 17.60 10.89 -2.08
CA LYS A 147 18.70 11.52 -2.83
C LYS A 147 18.34 11.80 -4.28
N ILE A 148 17.74 10.85 -5.01
CA ILE A 148 17.36 11.11 -6.41
C ILE A 148 16.41 12.28 -6.48
N SER A 149 15.53 12.32 -5.44
CA SER A 149 14.57 13.40 -5.28
C SER A 149 15.22 14.77 -5.27
N ALA A 150 16.28 14.95 -4.49
CA ALA A 150 16.99 16.24 -4.45
C ALA A 150 17.72 16.58 -5.73
N ASP A 151 18.42 15.57 -6.24
CA ASP A 151 19.17 15.81 -7.49
C ASP A 151 18.23 16.20 -8.59
N THR A 152 17.09 15.48 -8.72
CA THR A 152 16.24 15.87 -9.86
C THR A 152 15.26 16.97 -9.51
N GLY A 153 14.90 17.05 -8.22
CA GLY A 153 13.84 17.99 -7.85
C GLY A 153 12.45 17.35 -8.06
N VAL A 154 12.38 16.06 -8.29
CA VAL A 154 11.06 15.43 -8.44
C VAL A 154 10.64 14.89 -7.09
N PRO A 155 9.59 15.44 -6.49
CA PRO A 155 9.12 15.02 -5.18
C PRO A 155 8.70 13.57 -5.17
N LEU A 156 8.78 12.95 -4.03
CA LEU A 156 8.38 11.59 -3.82
C LEU A 156 6.96 11.49 -3.22
N LEU A 157 6.28 10.39 -3.52
CA LEU A 157 4.93 10.23 -2.91
C LEU A 157 4.95 8.82 -2.37
N GLN A 158 4.78 8.55 -1.10
CA GLN A 158 4.86 7.18 -0.67
C GLN A 158 3.52 6.46 -0.80
N ASP A 159 3.50 5.36 -1.56
CA ASP A 159 2.22 4.61 -1.55
C ASP A 159 2.40 3.66 -0.40
N ALA A 160 1.89 4.12 0.75
CA ALA A 160 1.96 3.33 1.97
C ALA A 160 0.77 2.50 2.33
N ALA A 161 0.03 1.98 1.31
CA ALA A 161 -1.12 1.11 1.57
C ALA A 161 -0.83 -0.13 2.36
N HIS A 162 0.39 -0.69 2.21
CA HIS A 162 0.74 -1.91 2.93
C HIS A 162 1.54 -1.68 4.27
N ALA A 163 1.86 -0.46 4.53
CA ALA A 163 2.74 -0.08 5.59
C ALA A 163 2.22 0.79 6.73
N HIS A 164 1.04 0.43 7.24
CA HIS A 164 0.54 1.18 8.39
C HIS A 164 1.54 0.84 9.54
N GLY A 165 2.02 1.85 10.24
CA GLY A 165 2.87 1.63 11.40
C GLY A 165 4.29 1.20 11.06
N ALA A 166 4.80 1.40 9.86
CA ALA A 166 6.09 0.97 9.40
C ALA A 166 7.15 2.00 9.78
N ARG A 167 8.42 1.62 9.85
CA ARG A 167 9.47 2.60 10.12
C ARG A 167 10.75 2.40 9.30
N TRP A 168 11.32 3.51 8.84
CA TRP A 168 12.51 3.60 8.07
C TRP A 168 13.52 4.49 8.84
N GLN A 169 14.60 3.77 9.22
CA GLN A 169 15.69 4.43 9.95
C GLN A 169 15.08 5.13 11.18
N GLY A 170 14.34 4.40 12.00
CA GLY A 170 13.67 4.91 13.16
C GLY A 170 12.53 5.90 12.91
N LYS A 171 12.24 6.30 11.70
CA LYS A 171 11.29 7.36 11.38
C LYS A 171 9.96 6.78 10.90
N ARG A 172 8.88 7.41 11.33
CA ARG A 172 7.53 6.95 10.97
C ARG A 172 7.19 7.34 9.56
N VAL A 173 6.16 6.67 8.98
CA VAL A 173 5.88 7.05 7.57
C VAL A 173 5.75 8.50 7.37
N GLY A 174 5.09 9.13 8.39
CA GLY A 174 4.90 10.58 8.22
C GLY A 174 6.08 11.45 8.64
N GLU A 175 7.24 10.83 8.97
CA GLU A 175 8.38 11.71 9.38
C GLU A 175 9.50 11.69 8.36
N LEU A 176 9.18 11.35 7.13
CA LEU A 176 10.14 11.13 6.08
C LEU A 176 10.17 12.27 5.15
N ASP A 177 9.43 13.34 5.46
CA ASP A 177 9.41 14.51 4.60
C ASP A 177 8.67 14.47 3.26
N SER A 178 7.93 13.37 3.07
CA SER A 178 7.15 13.25 1.84
C SER A 178 5.68 12.95 2.19
N ILE A 179 4.76 13.40 1.33
CA ILE A 179 3.34 12.98 1.55
C ILE A 179 3.26 11.47 1.44
N ALA A 180 2.34 10.76 2.08
CA ALA A 180 2.14 9.32 1.90
C ALA A 180 0.61 8.99 1.93
N THR A 181 0.22 7.91 1.28
CA THR A 181 -1.18 7.52 1.26
C THR A 181 -1.38 6.15 1.83
N PHE A 182 -2.54 5.89 2.44
CA PHE A 182 -2.84 4.58 2.97
C PHE A 182 -4.21 4.07 2.42
N SER A 183 -4.47 2.82 2.60
CA SER A 183 -5.68 2.12 2.28
C SER A 183 -6.15 1.50 3.57
N PHE A 184 -7.47 1.43 3.75
CA PHE A 184 -8.10 0.72 4.80
C PHE A 184 -9.07 -0.28 4.21
N GLN A 185 -8.75 -0.71 2.99
CA GLN A 185 -9.55 -1.76 2.35
C GLN A 185 -9.63 -3.01 3.17
N ASN A 186 -10.61 -3.91 3.00
CA ASN A 186 -10.89 -4.99 3.91
C ASN A 186 -9.68 -5.86 4.36
N GLY A 187 -8.76 -6.12 3.42
CA GLY A 187 -7.65 -7.02 3.73
C GLY A 187 -6.44 -6.31 4.33
N LYS A 188 -6.47 -4.97 4.48
CA LYS A 188 -5.38 -4.20 5.01
C LYS A 188 -5.15 -4.44 6.51
N LEU A 189 -4.03 -3.91 6.97
CA LEU A 189 -3.58 -4.16 8.38
C LEU A 189 -4.46 -3.51 9.42
N MET A 190 -5.15 -2.42 9.01
CA MET A 190 -6.35 -1.96 9.77
C MET A 190 -7.45 -1.50 8.75
N THR A 191 -8.68 -1.85 9.05
CA THR A 191 -9.73 -1.71 8.02
C THR A 191 -11.11 -1.36 8.53
N ALA A 192 -11.86 -0.73 7.62
CA ALA A 192 -13.28 -0.57 7.91
C ALA A 192 -14.03 -1.07 6.67
N GLY A 193 -13.38 -2.00 5.96
CA GLY A 193 -13.97 -2.58 4.72
C GLY A 193 -13.52 -1.67 3.61
N GLU A 194 -13.79 -0.35 3.70
CA GLU A 194 -13.24 0.57 2.75
C GLU A 194 -12.68 1.76 3.54
N GLY A 195 -11.70 2.41 2.95
CA GLY A 195 -11.25 3.67 3.46
C GLY A 195 -9.81 4.03 3.05
N GLY A 196 -9.44 5.29 3.20
CA GLY A 196 -8.05 5.65 2.89
C GLY A 196 -7.64 6.89 3.65
N ALA A 197 -6.39 7.32 3.46
CA ALA A 197 -5.92 8.54 4.08
C ALA A 197 -4.70 9.06 3.32
N VAL A 198 -4.55 10.37 3.45
CA VAL A 198 -3.43 11.08 2.89
C VAL A 198 -2.70 11.65 4.13
N VAL A 199 -1.39 11.45 4.28
CA VAL A 199 -0.75 12.00 5.54
C VAL A 199 0.29 12.97 5.07
N PHE A 200 0.45 14.11 5.76
CA PHE A 200 1.26 15.21 5.25
C PHE A 200 2.35 15.50 6.31
N PRO A 201 3.59 15.44 5.88
CA PRO A 201 4.68 15.74 6.81
C PRO A 201 4.67 17.19 7.21
N ASP A 202 5.46 17.48 8.24
CA ASP A 202 5.67 18.85 8.72
C ASP A 202 6.20 19.65 7.54
N GLY A 203 5.73 20.88 7.36
CA GLY A 203 6.05 21.68 6.20
C GLY A 203 5.12 21.56 5.00
N GLU A 204 4.08 20.70 5.04
CA GLU A 204 3.22 20.62 3.83
C GLU A 204 1.77 21.04 4.03
N THR A 205 1.57 21.94 4.95
CA THR A 205 0.28 22.48 5.30
C THR A 205 -0.47 23.03 4.12
N GLU A 206 0.15 23.76 3.22
CA GLU A 206 -0.56 24.24 2.05
C GLU A 206 -1.25 23.19 1.18
N LYS A 207 -0.55 22.10 0.92
CA LYS A 207 -1.00 20.98 0.12
C LYS A 207 -2.10 20.23 0.85
N TYR A 208 -1.98 20.17 2.14
CA TYR A 208 -3.01 19.64 3.00
C TYR A 208 -4.30 20.47 2.80
N GLU A 209 -4.24 21.78 2.92
CA GLU A 209 -5.40 22.66 2.75
C GLU A 209 -5.98 22.47 1.36
N THR A 210 -5.16 22.51 0.30
CA THR A 210 -5.61 22.27 -1.06
C THR A 210 -6.23 20.88 -1.19
N ALA A 211 -5.60 19.84 -0.63
CA ALA A 211 -6.14 18.51 -0.63
C ALA A 211 -7.55 18.50 0.02
N PHE A 212 -7.71 19.10 1.18
CA PHE A 212 -9.05 19.18 1.80
C PHE A 212 -10.07 19.75 0.80
N LEU A 213 -9.72 20.89 0.20
CA LEU A 213 -10.56 21.51 -0.80
C LEU A 213 -10.84 20.60 -1.98
N ARG A 214 -9.82 19.97 -2.57
CA ARG A 214 -10.16 19.10 -3.70
C ARG A 214 -10.99 17.87 -3.32
N HIS A 215 -10.97 17.45 -2.08
CA HIS A 215 -11.66 16.24 -1.66
C HIS A 215 -13.11 16.55 -1.28
N SER A 216 -13.41 17.86 -1.16
CA SER A 216 -14.79 18.21 -0.83
C SER A 216 -15.46 19.08 -1.90
N CYS A 217 -15.43 18.70 -3.17
CA CYS A 217 -16.03 19.45 -4.26
C CYS A 217 -15.57 20.90 -4.30
N GLY A 218 -14.30 21.14 -3.97
CA GLY A 218 -13.67 22.43 -3.91
C GLY A 218 -14.36 23.42 -2.99
N ARG A 219 -15.06 22.93 -1.99
CA ARG A 219 -15.77 23.83 -1.10
C ARG A 219 -15.09 24.08 0.22
N PRO A 220 -14.85 25.33 0.57
CA PRO A 220 -14.26 25.68 1.88
C PRO A 220 -15.03 25.05 3.00
N ARG A 221 -14.39 24.57 4.05
CA ARG A 221 -15.07 23.88 5.16
C ARG A 221 -16.20 24.75 5.73
N ASP A 222 -16.01 26.07 5.78
CA ASP A 222 -17.02 26.97 6.28
C ASP A 222 -17.89 27.72 5.27
N ASP A 223 -17.78 27.46 3.97
CA ASP A 223 -18.62 28.10 3.00
C ASP A 223 -20.09 27.73 3.31
N ARG A 224 -20.94 28.73 3.12
CA ARG A 224 -22.39 28.58 3.14
C ARG A 224 -22.98 28.97 1.80
N ARG A 225 -22.26 29.63 0.87
CA ARG A 225 -22.90 30.19 -0.31
C ARG A 225 -22.45 29.56 -1.59
N TYR A 226 -21.87 28.35 -1.53
CA TYR A 226 -21.46 27.61 -2.74
C TYR A 226 -20.38 28.37 -3.50
N PHE A 227 -19.39 28.97 -2.81
CA PHE A 227 -18.21 29.52 -3.48
C PHE A 227 -17.16 28.42 -3.70
N HIS A 228 -17.43 27.48 -4.58
CA HIS A 228 -16.52 26.41 -4.93
C HIS A 228 -15.23 27.02 -5.53
N LYS A 229 -14.09 26.72 -4.90
CA LYS A 229 -12.83 27.39 -5.29
C LYS A 229 -12.09 26.69 -6.40
N ILE A 230 -11.97 25.35 -6.39
CA ILE A 230 -11.16 24.69 -7.39
C ILE A 230 -11.84 23.37 -7.74
N ALA A 231 -11.37 22.75 -8.81
CA ALA A 231 -11.82 21.46 -9.25
C ALA A 231 -11.45 20.39 -8.21
N GLY A 232 -12.08 19.23 -8.39
CA GLY A 232 -11.86 18.08 -7.56
C GLY A 232 -12.98 17.05 -7.61
N SER A 233 -13.34 16.49 -6.47
CA SER A 233 -14.30 15.41 -6.45
C SER A 233 -14.83 15.34 -5.03
N ASN A 234 -15.55 14.25 -4.74
CA ASN A 234 -15.95 14.16 -3.33
C ASN A 234 -15.15 12.95 -2.86
N MET A 235 -14.29 13.04 -1.86
CA MET A 235 -13.61 11.80 -1.37
C MET A 235 -13.76 11.80 0.15
N ARG A 236 -14.87 12.33 0.68
CA ARG A 236 -15.18 12.41 2.09
C ARG A 236 -15.45 11.03 2.71
N LEU A 237 -14.94 10.72 3.89
CA LEU A 237 -15.14 9.48 4.59
C LEU A 237 -16.34 9.70 5.51
N ASN A 238 -17.19 8.73 5.72
CA ASN A 238 -18.30 8.79 6.63
C ASN A 238 -17.93 8.49 8.07
N GLU A 239 -18.82 8.93 9.00
CA GLU A 239 -18.50 8.78 10.39
C GLU A 239 -18.50 7.34 10.83
N PHE A 240 -19.33 6.47 10.27
CA PHE A 240 -19.35 5.07 10.68
C PHE A 240 -17.99 4.39 10.44
N SER A 241 -17.49 4.48 9.22
CA SER A 241 -16.18 4.04 8.81
C SER A 241 -15.11 4.62 9.73
N ALA A 242 -15.15 5.94 10.01
CA ALA A 242 -14.13 6.49 10.88
C ALA A 242 -14.17 5.83 12.26
N SER A 243 -15.38 5.60 12.81
CA SER A 243 -15.31 5.08 14.16
C SER A 243 -14.72 3.65 14.11
N VAL A 244 -15.01 2.82 13.12
CA VAL A 244 -14.42 1.47 13.10
C VAL A 244 -12.88 1.57 12.93
N LEU A 245 -12.42 2.58 12.20
CA LEU A 245 -10.99 2.75 11.96
C LEU A 245 -10.29 3.13 13.27
N ARG A 246 -10.92 3.97 14.10
CA ARG A 246 -10.32 4.31 15.41
C ARG A 246 -10.16 3.12 16.34
N ALA A 247 -11.04 2.15 16.39
CA ALA A 247 -10.82 0.92 17.14
C ALA A 247 -9.76 0.02 16.49
N GLN A 248 -9.66 0.03 15.15
CA GLN A 248 -8.67 -0.86 14.49
C GLN A 248 -7.26 -0.36 14.80
N LEU A 249 -7.08 0.95 14.69
CA LEU A 249 -5.87 1.67 14.92
C LEU A 249 -5.24 1.23 16.27
N ALA A 250 -6.11 1.17 17.27
CA ALA A 250 -5.62 0.88 18.62
C ALA A 250 -4.99 -0.49 18.75
N ARG A 251 -5.31 -1.48 17.92
CA ARG A 251 -4.62 -2.77 18.04
C ARG A 251 -3.40 -2.82 17.10
N LEU A 252 -3.17 -1.88 16.22
CA LEU A 252 -2.24 -2.06 15.14
C LEU A 252 -0.80 -2.47 15.56
N ASP A 253 -0.18 -1.64 16.38
CA ASP A 253 1.19 -1.83 16.85
C ASP A 253 1.53 -3.20 17.37
N GLU A 254 0.66 -3.72 18.19
CA GLU A 254 0.83 -5.04 18.74
C GLU A 254 0.53 -6.13 17.72
N GLN A 255 -0.36 -5.83 16.73
CA GLN A 255 -0.62 -6.91 15.77
C GLN A 255 0.65 -7.10 14.92
N ILE A 256 1.30 -6.05 14.51
CA ILE A 256 2.53 -5.95 13.79
C ILE A 256 3.69 -6.61 14.59
N ALA A 257 3.70 -6.49 15.91
CA ALA A 257 4.59 -7.11 16.84
C ALA A 257 4.43 -8.63 16.77
N VAL A 258 3.26 -9.21 16.88
CA VAL A 258 3.08 -10.63 16.67
C VAL A 258 3.53 -11.01 15.26
N ARG A 259 3.17 -10.28 14.19
CA ARG A 259 3.60 -10.64 12.86
C ARG A 259 5.13 -10.68 12.74
N ASP A 260 5.89 -9.75 13.32
CA ASP A 260 7.34 -9.68 13.21
C ASP A 260 8.03 -10.90 13.84
N GLU A 261 7.51 -11.41 14.93
CA GLU A 261 7.97 -12.68 15.46
C GLU A 261 7.64 -13.88 14.60
N ARG A 262 6.42 -13.87 14.07
CA ARG A 262 5.99 -14.99 13.25
C ARG A 262 6.70 -14.98 11.91
N TRP A 263 7.07 -13.86 11.32
CA TRP A 263 7.71 -13.87 10.02
C TRP A 263 9.17 -14.35 10.07
N THR A 264 9.81 -13.97 11.18
CA THR A 264 11.13 -14.47 11.54
C THR A 264 11.14 -15.99 11.45
N LEU A 265 10.23 -16.64 12.13
CA LEU A 265 10.04 -18.04 12.01
C LEU A 265 9.69 -18.52 10.60
N LEU A 266 8.68 -17.92 9.93
CA LEU A 266 8.24 -18.41 8.63
C LEU A 266 9.31 -18.16 7.59
N SER A 267 9.88 -16.97 7.50
CA SER A 267 10.88 -16.63 6.53
C SER A 267 11.96 -17.76 6.50
N ARG A 268 12.41 -18.13 7.70
CA ARG A 268 13.46 -19.14 7.81
C ARG A 268 12.91 -20.46 7.33
N LEU A 269 11.76 -20.89 7.78
CA LEU A 269 11.18 -22.15 7.34
C LEU A 269 11.06 -22.27 5.82
N LEU A 270 10.64 -21.18 5.19
CA LEU A 270 10.44 -21.07 3.76
C LEU A 270 11.76 -21.08 3.01
N GLY A 271 12.74 -20.33 3.52
CA GLY A 271 14.05 -20.20 2.93
C GLY A 271 14.85 -21.53 2.92
N ALA A 272 14.46 -22.47 3.70
CA ALA A 272 14.84 -23.82 3.87
C ALA A 272 14.22 -24.74 2.81
N ILE A 273 13.21 -24.28 2.08
CA ILE A 273 12.60 -25.13 1.05
C ILE A 273 13.41 -24.88 -0.22
N ASP A 274 13.89 -25.93 -0.90
CA ASP A 274 14.71 -25.61 -2.09
C ASP A 274 13.78 -25.04 -3.15
N GLY A 275 14.24 -24.08 -3.95
CA GLY A 275 13.33 -23.48 -4.93
C GLY A 275 12.59 -22.24 -4.43
N VAL A 276 12.44 -22.14 -3.12
CA VAL A 276 11.73 -21.07 -2.45
C VAL A 276 12.56 -19.99 -1.78
N VAL A 277 12.29 -18.73 -2.12
CA VAL A 277 12.92 -17.55 -1.59
C VAL A 277 11.89 -16.52 -1.07
N PRO A 278 11.76 -16.42 0.23
CA PRO A 278 10.93 -15.42 0.90
C PRO A 278 11.33 -14.02 0.56
N GLN A 279 10.36 -13.06 0.63
CA GLN A 279 10.71 -11.65 0.40
C GLN A 279 11.98 -11.33 1.21
N GLY A 280 12.87 -10.53 0.66
CA GLY A 280 14.10 -10.20 1.39
C GLY A 280 13.81 -9.14 2.46
N GLY A 281 14.76 -8.89 3.36
CA GLY A 281 14.64 -7.90 4.39
C GLY A 281 15.49 -6.69 4.01
N ASP A 282 15.54 -5.75 4.94
CA ASP A 282 16.35 -4.54 4.78
C ASP A 282 16.40 -3.99 6.22
N VAL A 283 17.67 -3.93 6.68
CA VAL A 283 17.79 -3.59 8.12
C VAL A 283 17.53 -2.12 8.35
N ARG A 284 17.70 -1.18 7.45
CA ARG A 284 17.23 0.19 7.58
C ARG A 284 15.70 0.30 7.79
N ALA A 285 14.93 -0.66 7.34
CA ALA A 285 13.49 -0.71 7.60
C ALA A 285 13.32 -1.39 8.94
N ASP A 286 13.41 -0.59 10.00
CA ASP A 286 13.30 -1.18 11.34
C ASP A 286 11.94 -1.68 11.76
N ARG A 287 10.86 -1.27 11.03
CA ARG A 287 9.58 -1.89 11.46
C ARG A 287 8.79 -2.15 10.14
N ASN A 288 8.72 -3.42 9.89
CA ASN A 288 8.12 -3.95 8.68
C ASN A 288 6.71 -4.25 9.14
N SER A 289 5.69 -3.70 8.52
CA SER A 289 4.33 -4.06 8.93
C SER A 289 3.82 -5.41 8.62
N HIS A 290 4.44 -6.11 7.60
CA HIS A 290 4.01 -7.47 7.40
C HIS A 290 2.53 -7.51 6.88
N TYR A 291 2.31 -6.71 5.86
CA TYR A 291 0.96 -6.80 5.18
C TYR A 291 0.80 -8.09 4.43
N MET A 292 1.87 -8.61 3.75
CA MET A 292 1.74 -9.94 3.15
C MET A 292 2.99 -10.81 3.55
N ALA A 293 2.83 -12.12 3.62
CA ALA A 293 3.97 -13.04 3.77
C ALA A 293 4.31 -13.56 2.35
N MET A 294 5.19 -12.96 1.64
CA MET A 294 5.48 -13.19 0.24
C MET A 294 6.72 -14.04 -0.06
N PHE A 295 6.63 -14.92 -1.09
CA PHE A 295 7.83 -15.68 -1.47
C PHE A 295 7.86 -15.96 -2.98
N ARG A 296 9.02 -16.00 -3.60
CA ARG A 296 9.23 -16.41 -4.98
C ARG A 296 9.65 -17.86 -5.07
N ILE A 297 9.39 -18.44 -6.27
CA ILE A 297 9.77 -19.80 -6.61
C ILE A 297 10.39 -19.66 -8.01
N PRO A 298 11.52 -18.94 -8.06
CA PRO A 298 12.17 -18.54 -9.31
C PRO A 298 12.21 -19.67 -10.34
N GLY A 299 11.93 -19.25 -11.57
CA GLY A 299 11.82 -20.17 -12.70
C GLY A 299 10.42 -20.69 -13.02
N LEU A 300 9.48 -20.60 -12.10
CA LEU A 300 8.10 -21.00 -12.37
C LEU A 300 7.43 -20.11 -13.40
N THR A 301 6.66 -20.74 -14.32
CA THR A 301 5.86 -19.92 -15.25
C THR A 301 4.71 -19.40 -14.32
N GLU A 302 3.87 -18.46 -14.79
CA GLU A 302 2.62 -18.07 -14.16
C GLU A 302 1.67 -19.20 -13.88
N GLU A 303 1.54 -20.02 -14.97
CA GLU A 303 0.63 -21.18 -14.85
C GLU A 303 1.07 -22.11 -13.78
N ARG A 304 2.38 -22.43 -13.67
CA ARG A 304 2.77 -23.30 -12.54
C ARG A 304 2.53 -22.51 -11.20
N ARG A 305 2.97 -21.28 -11.14
CA ARG A 305 2.73 -20.54 -9.86
C ARG A 305 1.23 -20.54 -9.53
N ASN A 306 0.33 -20.26 -10.53
CA ASN A 306 -1.11 -20.26 -10.30
C ASN A 306 -1.63 -21.59 -9.83
N ALA A 307 -1.02 -22.68 -10.37
CA ALA A 307 -1.45 -24.03 -10.02
C ALA A 307 -1.03 -24.37 -8.58
N LEU A 308 0.16 -23.86 -8.30
CA LEU A 308 0.66 -24.06 -6.90
C LEU A 308 -0.23 -23.28 -5.94
N VAL A 309 -0.50 -21.98 -6.25
CA VAL A 309 -1.52 -21.30 -5.38
C VAL A 309 -2.74 -22.12 -5.12
N ASP A 310 -3.38 -22.66 -6.21
CA ASP A 310 -4.57 -23.48 -6.04
C ASP A 310 -4.38 -24.68 -5.14
N ARG A 311 -3.24 -25.35 -5.31
CA ARG A 311 -2.98 -26.50 -4.39
C ARG A 311 -2.82 -25.98 -2.96
N LEU A 312 -2.18 -24.83 -2.77
CA LEU A 312 -2.06 -24.31 -1.38
C LEU A 312 -3.42 -23.97 -0.77
N VAL A 313 -4.31 -23.33 -1.58
CA VAL A 313 -5.67 -23.06 -1.10
C VAL A 313 -6.38 -24.34 -0.78
N GLU A 314 -6.19 -25.35 -1.62
CA GLU A 314 -6.85 -26.64 -1.35
C GLU A 314 -6.38 -27.28 -0.06
N ALA A 315 -5.16 -26.96 0.34
CA ALA A 315 -4.61 -27.53 1.58
C ALA A 315 -4.94 -26.71 2.80
N GLY A 316 -5.76 -25.68 2.67
CA GLY A 316 -6.22 -24.87 3.80
C GLY A 316 -5.44 -23.58 3.95
N LEU A 317 -4.65 -23.15 2.99
CA LEU A 317 -3.96 -21.90 3.18
C LEU A 317 -4.61 -20.73 2.42
N PRO A 318 -4.53 -19.54 3.01
CA PRO A 318 -4.98 -18.31 2.40
C PRO A 318 -3.87 -17.75 1.54
N ALA A 319 -3.67 -18.46 0.40
CA ALA A 319 -2.58 -18.13 -0.54
C ALA A 319 -3.11 -17.62 -1.87
N PHE A 320 -2.44 -16.71 -2.46
CA PHE A 320 -2.66 -15.92 -3.60
C PHE A 320 -1.49 -15.83 -4.56
N ALA A 321 -1.77 -15.55 -5.83
CA ALA A 321 -0.80 -15.06 -6.78
C ALA A 321 -0.53 -13.64 -6.36
N ALA A 322 0.68 -13.20 -6.66
CA ALA A 322 1.07 -11.83 -6.37
C ALA A 322 0.73 -10.96 -7.56
N PHE A 323 0.92 -9.68 -7.41
CA PHE A 323 0.53 -8.71 -8.41
C PHE A 323 1.04 -9.09 -9.80
N ARG A 324 0.26 -8.67 -10.79
CA ARG A 324 0.66 -8.80 -12.17
C ARG A 324 1.50 -7.62 -12.53
N ALA A 325 2.50 -7.81 -13.41
CA ALA A 325 3.26 -6.65 -13.89
C ALA A 325 2.23 -5.66 -14.46
N ILE A 326 2.19 -4.39 -14.08
CA ILE A 326 1.20 -3.45 -14.53
C ILE A 326 1.20 -3.19 -16.03
N TYR A 327 2.34 -3.38 -16.70
CA TYR A 327 2.38 -3.32 -18.16
C TYR A 327 1.76 -4.56 -18.77
N ARG A 328 1.38 -5.58 -18.03
CA ARG A 328 0.73 -6.75 -18.60
C ARG A 328 -0.77 -6.78 -18.29
N THR A 329 -1.33 -5.62 -17.93
CA THR A 329 -2.80 -5.60 -17.69
C THR A 329 -3.36 -4.81 -18.86
N ASP A 330 -4.53 -5.15 -19.39
CA ASP A 330 -5.13 -4.25 -20.39
C ASP A 330 -5.40 -2.85 -19.90
N ALA A 331 -5.87 -2.78 -18.64
CA ALA A 331 -6.20 -1.50 -17.99
C ALA A 331 -5.14 -0.47 -18.20
N PHE A 332 -3.88 -0.90 -17.98
CA PHE A 332 -2.75 0.04 -18.08
C PHE A 332 -2.65 0.68 -19.45
N TRP A 333 -2.90 -0.10 -20.49
CA TRP A 333 -2.83 0.40 -21.85
C TRP A 333 -4.06 1.18 -22.30
N GLU A 334 -5.18 1.22 -21.59
CA GLU A 334 -6.32 1.98 -22.03
C GLU A 334 -6.08 3.49 -22.17
N LEU A 335 -5.50 4.19 -21.22
CA LEU A 335 -5.26 5.62 -21.30
C LEU A 335 -3.87 5.93 -20.69
N GLY A 336 -3.24 7.03 -21.09
CA GLY A 336 -1.98 7.52 -20.58
C GLY A 336 -0.80 6.56 -20.69
N ALA A 337 -0.87 5.61 -21.60
CA ALA A 337 0.17 4.62 -21.83
C ALA A 337 1.45 5.31 -22.30
N PRO A 338 2.60 4.80 -21.94
CA PRO A 338 3.88 5.35 -22.39
C PRO A 338 4.13 4.99 -23.85
N ASP A 339 4.89 5.74 -24.64
CA ASP A 339 5.11 5.39 -26.04
C ASP A 339 5.79 4.04 -26.24
N GLU A 340 6.62 3.50 -25.37
CA GLU A 340 7.22 2.19 -25.54
C GLU A 340 6.19 1.11 -25.87
N SER A 341 6.73 -0.05 -26.24
CA SER A 341 5.93 -1.24 -26.53
C SER A 341 5.88 -2.04 -25.23
N VAL A 342 5.17 -3.14 -25.20
CA VAL A 342 5.15 -4.01 -24.04
C VAL A 342 6.51 -4.69 -23.83
N ASP A 343 7.16 -5.17 -24.89
CA ASP A 343 8.44 -5.84 -24.68
C ASP A 343 9.52 -4.85 -24.26
N ALA A 344 9.42 -3.62 -24.73
CA ALA A 344 10.39 -2.59 -24.37
C ALA A 344 10.29 -2.28 -22.87
N ILE A 345 9.06 -2.19 -22.34
CA ILE A 345 8.93 -2.02 -20.88
C ILE A 345 9.43 -3.31 -20.24
N ALA A 346 8.98 -4.49 -20.66
CA ALA A 346 9.51 -5.70 -20.03
C ALA A 346 11.05 -5.75 -20.07
N ARG A 347 11.69 -5.36 -21.17
CA ARG A 347 13.16 -5.48 -21.25
C ARG A 347 13.85 -4.72 -20.13
N ARG A 348 13.40 -3.53 -19.77
CA ARG A 348 13.94 -2.76 -18.67
C ARG A 348 13.26 -3.03 -17.32
N CYS A 349 12.45 -4.09 -17.21
CA CYS A 349 11.84 -4.47 -15.95
C CYS A 349 11.89 -5.97 -15.78
N PRO A 350 13.10 -6.53 -15.82
CA PRO A 350 13.32 -7.96 -15.69
C PRO A 350 12.96 -8.52 -14.35
N ASN A 351 13.15 -7.78 -13.25
CA ASN A 351 12.71 -8.37 -11.97
C ASN A 351 11.18 -8.40 -11.95
N THR A 352 10.53 -7.29 -12.30
CA THR A 352 9.05 -7.32 -12.26
C THR A 352 8.53 -8.47 -13.09
N ASP A 353 9.11 -8.54 -14.31
CA ASP A 353 8.76 -9.55 -15.31
C ASP A 353 8.79 -10.96 -14.81
N ALA A 354 9.71 -11.28 -13.92
CA ALA A 354 9.76 -12.60 -13.28
C ALA A 354 8.90 -12.77 -12.04
N ILE A 355 8.96 -11.73 -11.18
CA ILE A 355 8.16 -11.78 -9.93
C ILE A 355 6.67 -11.82 -10.29
N SER A 356 6.27 -11.05 -11.32
CA SER A 356 4.93 -11.16 -11.89
C SER A 356 4.54 -12.60 -12.11
N SER A 357 5.46 -13.43 -12.63
CA SER A 357 5.02 -14.82 -12.78
C SER A 357 5.33 -15.76 -11.65
N ASP A 358 6.26 -15.54 -10.73
CA ASP A 358 6.67 -16.57 -9.77
C ASP A 358 6.51 -16.31 -8.26
N CYS A 359 5.82 -15.24 -7.93
CA CYS A 359 5.68 -14.82 -6.53
C CYS A 359 4.30 -15.08 -5.98
N VAL A 360 4.25 -15.70 -4.81
CA VAL A 360 3.11 -16.13 -4.06
C VAL A 360 3.03 -15.36 -2.73
N TRP A 361 1.82 -15.10 -2.22
CA TRP A 361 1.69 -14.43 -0.90
C TRP A 361 0.63 -15.16 -0.15
N LEU A 362 0.80 -15.04 1.16
CA LEU A 362 -0.23 -15.59 2.09
C LEU A 362 -0.77 -14.35 2.86
N HIS A 363 -2.01 -14.50 3.25
CA HIS A 363 -2.67 -13.39 3.97
C HIS A 363 -1.91 -13.09 5.27
N HIS A 364 -1.68 -11.88 5.66
CA HIS A 364 -1.08 -11.48 6.92
C HIS A 364 -1.74 -12.01 8.18
N ARG A 365 -2.90 -12.62 8.16
CA ARG A 365 -3.56 -13.25 9.26
C ARG A 365 -2.81 -14.55 9.66
N VAL A 366 -2.07 -15.12 8.70
CA VAL A 366 -1.27 -16.32 8.96
C VAL A 366 -0.16 -15.99 9.97
N LEU A 367 0.38 -14.79 9.94
CA LEU A 367 1.42 -14.23 10.75
C LEU A 367 1.01 -13.81 12.18
N LEU A 368 -0.24 -14.06 12.54
CA LEU A 368 -0.85 -13.88 13.81
C LEU A 368 -1.00 -15.27 14.42
N ALA A 369 -0.83 -16.32 13.57
CA ALA A 369 -1.12 -17.62 14.18
C ALA A 369 0.07 -18.05 15.07
N GLY A 370 -0.22 -19.19 15.72
CA GLY A 370 0.82 -19.80 16.57
C GLY A 370 1.96 -20.39 15.75
N GLU A 371 3.09 -20.67 16.41
CA GLU A 371 4.24 -21.33 15.78
C GLU A 371 3.92 -22.68 15.20
N PRO A 372 3.18 -23.55 15.90
CA PRO A 372 2.78 -24.84 15.36
C PRO A 372 2.15 -24.73 13.97
N GLU A 373 1.24 -23.73 13.82
CA GLU A 373 0.55 -23.55 12.55
C GLU A 373 1.56 -23.04 11.53
N LEU A 374 2.56 -22.25 11.86
CA LEU A 374 3.50 -21.87 10.81
C LEU A 374 4.35 -23.02 10.29
N HIS A 375 4.66 -24.00 11.17
CA HIS A 375 5.39 -25.21 10.87
C HIS A 375 4.52 -26.07 9.95
N ALA A 376 3.25 -26.21 10.33
CA ALA A 376 2.34 -26.96 9.48
C ALA A 376 2.18 -26.31 8.10
N THR A 377 2.19 -24.98 8.07
CA THR A 377 2.07 -24.22 6.84
C THR A 377 3.26 -24.46 5.93
N ALA A 378 4.47 -24.29 6.44
CA ALA A 378 5.70 -24.59 5.68
C ALA A 378 5.85 -26.07 5.28
N GLU A 379 5.31 -27.03 5.98
CA GLU A 379 5.33 -28.41 5.49
C GLU A 379 4.47 -28.48 4.22
N ILE A 380 3.24 -27.96 4.31
CA ILE A 380 2.30 -27.92 3.19
C ILE A 380 2.94 -27.27 1.96
N ILE A 381 3.63 -26.17 2.22
CA ILE A 381 4.29 -25.50 1.15
C ILE A 381 5.40 -26.39 0.57
N ALA A 382 6.12 -27.07 1.48
CA ALA A 382 7.30 -27.82 1.01
C ALA A 382 6.83 -28.97 0.13
N ASP A 383 5.78 -29.67 0.50
CA ASP A 383 5.20 -30.71 -0.31
C ASP A 383 4.74 -30.21 -1.66
N ALA A 384 3.89 -29.18 -1.64
CA ALA A 384 3.33 -28.60 -2.86
C ALA A 384 4.36 -28.07 -3.81
N VAL A 385 5.42 -27.44 -3.31
CA VAL A 385 6.47 -26.94 -4.18
C VAL A 385 7.26 -28.11 -4.81
N GLY A 386 7.19 -29.31 -4.22
CA GLY A 386 7.91 -30.46 -4.77
C GLY A 386 7.19 -30.84 -6.07
N ARG A 387 5.86 -30.76 -6.02
CA ARG A 387 5.07 -31.09 -7.19
C ARG A 387 4.81 -29.98 -8.18
N ALA A 388 5.24 -28.75 -7.96
CA ALA A 388 4.93 -27.65 -8.85
C ALA A 388 5.58 -27.58 -10.21
#